data_1P8K
#
_entry.id   1P8K
#
_cell.length_a   60.462
_cell.length_b   72.841
_cell.length_c   65.231
_cell.angle_alpha   90.00
_cell.angle_beta   108.21
_cell.angle_gamma   90.00
#
_symmetry.space_group_name_H-M   'P 1 21 1'
#
loop_
_entity.id
_entity.type
_entity.pdbx_description
1 polymer "5'-D(P*GP*CP*GP*CP*GP*CP*TP*GP*AP*GP*GP*AP*GP*GP*TP*TP*TP*C)-3'"
2 polymer "5'-D(P*TP*CP*TP*GP*TP*AP*AP*AP*GP*CP*GP*CP*A)-3'"
3 polymer "5'-D(P*GP*CP*GP*CP*TP*TP*TP*AP*CP*AP*GP*AP*GP*AP*AP*A)-3'"
4 polymer "5'-D(P*CP*CP*TP*CP*CP*TP*CP*AP*GP*CP*GP*CP*GP*CP*T)-3'"
5 polymer 'Intron-encoded endonuclease I-AniI'
6 non-polymer 'MAGNESIUM ION'
#
loop_
_entity_poly.entity_id
_entity_poly.type
_entity_poly.pdbx_seq_one_letter_code
_entity_poly.pdbx_strand_id
1 'polydeoxyribonucleotide' (DG)(DC)(DG)(DC)(DG)(DC)(DT)(DG)(DA)(DG)(DG)(DA)(DG)(DG)(DT)(DT)(DT)(DC) A
2 'polydeoxyribonucleotide' (DT)(DC)(DT)(DG)(DT)(DA)(DA)(DA)(DG)(DC)(DG)(DC)(DA) B
3 'polydeoxyribonucleotide' (DG)(DC)(DG)(DC)(DT)(DT)(DT)(DA)(DC)(DA)(DG)(DA)(DG)(DA)(DA)(DA) C
4 'polydeoxyribonucleotide' (DC)(DC)(DT)(DC)(DC)(DT)(DC)(DA)(DG)(DC)(DG)(DC)(DG)(DC)(DT) D
5 'polypeptide(L)'
;GSDLTYAYLVGLFEGDGYFSITKKGKYLTYELGIELSIKDVQLIYKIKKILGIGIVSFRKRNEIE(MSE)VALRIRDKNH
LKSFILPIFEKYP(MSE)FSNKQYDYLRFRNALLSGIISLEDLPDYTRSDEPLNSIESIINTSYFSAWLVGFIEAEGCFS
VYKLNKDDDYLIASFDIAQRDGDILISAIRKYLSFTTKVYLDKTNCSKLKVTSVRSVENIIKFLQNAPVKLLGNKKLQYL
LWLKQLRKISRYSEKIKIPSNY
;
Z
#
# COMPACT_ATOMS: atom_id res chain seq x y z
N GLY E 1 10.10 12.63 8.64
CA GLY E 1 8.65 12.63 8.18
C GLY E 1 7.71 13.55 9.01
N SER E 2 6.40 13.41 8.80
CA SER E 2 5.39 14.21 9.52
C SER E 2 4.82 13.32 10.60
N ASP E 3 3.92 13.87 11.40
CA ASP E 3 3.31 13.00 12.38
C ASP E 3 2.66 12.02 11.38
N LEU E 4 2.08 12.58 10.32
CA LEU E 4 1.37 11.76 9.32
C LEU E 4 2.06 11.11 8.15
N THR E 5 3.32 11.41 7.86
CA THR E 5 3.89 10.72 6.71
C THR E 5 4.28 9.29 7.16
N TYR E 6 4.28 9.05 8.46
CA TYR E 6 4.55 7.71 8.97
C TYR E 6 3.30 6.85 8.73
N ALA E 7 2.14 7.44 8.94
CA ALA E 7 0.89 6.72 8.70
C ALA E 7 0.94 6.32 7.24
N TYR E 8 1.60 7.14 6.44
CA TYR E 8 1.75 6.86 5.01
C TYR E 8 2.60 5.62 4.83
N LEU E 9 3.62 5.48 5.68
CA LEU E 9 4.52 4.36 5.58
C LEU E 9 3.90 3.03 5.91
N VAL E 10 3.12 2.96 6.99
CA VAL E 10 2.52 1.67 7.30
C VAL E 10 1.60 1.37 6.15
N GLY E 11 1.03 2.42 5.56
CA GLY E 11 0.17 2.21 4.43
C GLY E 11 0.91 1.45 3.35
N LEU E 12 2.06 1.99 2.92
CA LEU E 12 2.89 1.37 1.87
C LEU E 12 3.30 -0.04 2.26
N PHE E 13 3.80 -0.18 3.49
CA PHE E 13 4.24 -1.48 3.97
C PHE E 13 3.11 -2.48 4.03
N GLU E 14 1.93 -2.03 4.41
CA GLU E 14 0.84 -2.97 4.51
C GLU E 14 0.58 -3.56 3.15
N GLY E 15 0.63 -2.71 2.13
CA GLY E 15 0.36 -3.17 0.79
C GLY E 15 1.52 -3.82 0.05
N ASP E 16 2.75 -3.43 0.34
CA ASP E 16 3.87 -4.01 -0.37
C ASP E 16 4.95 -4.60 0.53
N GLY E 17 4.92 -4.29 1.81
CA GLY E 17 5.93 -4.83 2.70
C GLY E 17 5.56 -6.19 3.27
N TYR E 18 6.25 -6.59 4.33
CA TYR E 18 5.98 -7.85 4.97
C TYR E 18 6.77 -8.00 6.27
N PHE E 19 6.15 -8.63 7.27
CA PHE E 19 6.79 -8.91 8.56
C PHE E 19 7.11 -10.39 8.48
N SER E 20 8.29 -10.77 8.94
CA SER E 20 8.67 -12.14 8.80
C SER E 20 9.67 -12.54 9.88
N ILE E 21 9.48 -13.72 10.47
CA ILE E 21 10.40 -14.26 11.49
C ILE E 21 10.83 -15.56 10.84
N THR E 22 12.04 -15.60 10.30
CA THR E 22 12.53 -16.77 9.57
C THR E 22 13.61 -17.62 10.22
N LYS E 23 13.72 -18.86 9.74
CA LYS E 23 14.72 -19.78 10.27
C LYS E 23 16.14 -19.35 9.87
N LYS E 24 17.05 -19.21 10.83
CA LYS E 24 18.43 -18.81 10.55
C LYS E 24 19.29 -19.86 11.23
N GLY E 25 19.26 -21.08 10.69
CA GLY E 25 19.99 -22.18 11.28
C GLY E 25 19.35 -22.50 12.63
N LYS E 26 20.14 -22.43 13.69
CA LYS E 26 19.71 -22.68 15.06
C LYS E 26 18.73 -21.59 15.54
N TYR E 27 18.92 -20.36 15.04
CA TYR E 27 18.11 -19.24 15.49
C TYR E 27 17.14 -18.64 14.47
N LEU E 28 16.67 -17.43 14.78
CA LEU E 28 15.71 -16.69 13.97
C LEU E 28 16.19 -15.34 13.45
N THR E 29 15.55 -14.90 12.37
CA THR E 29 15.82 -13.61 11.75
C THR E 29 14.50 -12.87 11.86
N TYR E 30 14.52 -11.71 12.51
CA TYR E 30 13.29 -10.93 12.62
C TYR E 30 13.49 -9.82 11.62
N GLU E 31 12.49 -9.55 10.77
CA GLU E 31 12.64 -8.46 9.83
C GLU E 31 11.34 -7.91 9.30
N LEU E 32 11.48 -6.75 8.66
CA LEU E 32 10.39 -6.00 8.04
C LEU E 32 11.02 -5.66 6.71
N GLY E 33 10.35 -5.90 5.60
CA GLY E 33 10.95 -5.56 4.33
C GLY E 33 9.96 -5.20 3.25
N ILE E 34 10.44 -4.52 2.22
CA ILE E 34 9.63 -4.16 1.07
C ILE E 34 10.55 -4.47 -0.06
N GLU E 35 10.08 -5.17 -1.07
CA GLU E 35 10.96 -5.41 -2.19
C GLU E 35 10.16 -4.80 -3.32
N LEU E 36 10.75 -3.89 -4.07
CA LEU E 36 10.01 -3.26 -5.16
C LEU E 36 10.79 -3.34 -6.45
N SER E 37 10.15 -3.00 -7.54
CA SER E 37 10.85 -3.03 -8.81
C SER E 37 11.98 -2.02 -8.73
N ILE E 38 13.03 -2.23 -9.49
CA ILE E 38 14.13 -1.29 -9.49
C ILE E 38 13.61 0.09 -9.83
N LYS E 39 12.40 0.15 -10.39
CA LYS E 39 11.80 1.43 -10.76
C LYS E 39 11.55 2.35 -9.57
N ASP E 40 11.72 1.83 -8.37
CA ASP E 40 11.50 2.62 -7.18
C ASP E 40 12.73 2.69 -6.27
N VAL E 41 13.91 2.59 -6.88
CA VAL E 41 15.13 2.65 -6.09
C VAL E 41 14.98 3.95 -5.35
N GLN E 42 14.72 4.98 -6.11
CA GLN E 42 14.60 6.29 -5.52
C GLN E 42 13.64 6.30 -4.33
N LEU E 43 12.46 5.69 -4.46
CA LEU E 43 11.53 5.66 -3.31
C LEU E 43 12.11 4.88 -2.13
N ILE E 44 12.77 3.77 -2.39
CA ILE E 44 13.35 2.99 -1.32
C ILE E 44 14.25 3.84 -0.47
N TYR E 45 15.05 4.70 -1.11
CA TYR E 45 15.94 5.55 -0.30
C TYR E 45 15.21 6.68 0.43
N LYS E 46 14.01 7.03 -0.02
CA LYS E 46 13.25 8.04 0.67
C LYS E 46 12.68 7.43 1.96
N ILE E 47 12.43 6.12 1.91
CA ILE E 47 11.90 5.39 3.07
C ILE E 47 13.00 5.24 4.10
N LYS E 48 14.22 4.93 3.62
CA LYS E 48 15.34 4.77 4.53
C LYS E 48 15.61 6.07 5.24
N LYS E 49 15.49 7.16 4.50
CA LYS E 49 15.66 8.51 5.03
C LYS E 49 14.60 8.75 6.13
N ILE E 50 13.32 8.54 5.78
CA ILE E 50 12.25 8.76 6.74
C ILE E 50 12.45 7.95 8.00
N LEU E 51 12.59 6.64 7.84
CA LEU E 51 12.77 5.74 8.97
C LEU E 51 14.12 5.90 9.63
N GLY E 52 15.14 6.22 8.83
CA GLY E 52 16.47 6.39 9.37
C GLY E 52 17.27 5.12 9.55
N ILE E 53 16.66 3.98 9.25
CA ILE E 53 17.36 2.72 9.37
C ILE E 53 17.04 1.85 8.16
N GLY E 54 17.58 0.63 8.14
CA GLY E 54 17.32 -0.25 7.02
C GLY E 54 18.47 -0.50 6.07
N ILE E 55 18.61 -1.76 5.65
CA ILE E 55 19.65 -2.19 4.72
C ILE E 55 19.01 -2.31 3.33
N VAL E 56 19.66 -1.73 2.31
CA VAL E 56 19.17 -1.77 0.92
C VAL E 56 19.93 -2.81 0.13
N SER E 57 19.23 -3.57 -0.69
CA SER E 57 19.86 -4.61 -1.47
C SER E 57 19.28 -4.61 -2.85
N PHE E 58 20.05 -5.11 -3.81
CA PHE E 58 19.60 -5.19 -5.19
C PHE E 58 19.73 -6.60 -5.76
N ARG E 59 18.82 -7.00 -6.66
CA ARG E 59 18.97 -8.31 -7.29
C ARG E 59 18.29 -8.42 -8.64
N LYS E 60 18.71 -9.39 -9.48
CA LYS E 60 18.07 -9.47 -10.76
C LYS E 60 16.96 -10.53 -10.98
N ARG E 61 16.91 -11.73 -10.34
CA ARG E 61 15.77 -12.73 -10.55
C ARG E 61 15.64 -12.37 -11.99
N ASN E 62 16.64 -12.95 -12.60
CA ASN E 62 17.15 -12.39 -13.81
C ASN E 62 16.66 -11.52 -14.92
N GLU E 63 15.39 -11.31 -15.28
CA GLU E 63 15.41 -10.10 -16.13
C GLU E 63 14.81 -8.95 -15.28
N ILE E 64 14.09 -9.28 -14.19
CA ILE E 64 13.50 -8.21 -13.36
C ILE E 64 14.46 -7.67 -12.29
N GLU E 65 14.85 -6.40 -12.34
CA GLU E 65 15.74 -5.94 -11.25
C GLU E 65 14.84 -5.53 -10.08
N VAL E 67 14.72 -3.78 -5.78
CA VAL E 67 15.37 -3.16 -4.65
C VAL E 67 14.61 -3.54 -3.42
N ALA E 68 15.32 -3.62 -2.32
CA ALA E 68 14.68 -3.98 -1.09
C ALA E 68 15.25 -3.22 0.10
N LEU E 69 14.37 -2.80 1.01
CA LEU E 69 14.83 -2.16 2.23
C LEU E 69 14.52 -3.22 3.27
N ARG E 70 15.49 -3.54 4.11
CA ARG E 70 15.26 -4.58 5.09
C ARG E 70 15.80 -4.28 6.46
N ILE E 71 14.92 -4.28 7.44
CA ILE E 71 15.30 -4.00 8.80
C ILE E 71 15.24 -5.29 9.62
N ARG E 72 16.39 -5.73 10.12
CA ARG E 72 16.48 -6.97 10.90
C ARG E 72 17.06 -6.78 12.27
N ASP E 73 17.66 -5.61 12.49
CA ASP E 73 18.27 -5.32 13.78
C ASP E 73 17.17 -5.17 14.81
N LYS E 74 17.08 -6.14 15.72
CA LYS E 74 16.04 -6.13 16.74
C LYS E 74 15.99 -4.85 17.59
N ASN E 75 17.13 -4.31 18.02
CA ASN E 75 17.05 -3.08 18.79
C ASN E 75 16.40 -2.00 17.97
N HIS E 76 16.78 -1.89 16.71
CA HIS E 76 16.19 -0.88 15.85
C HIS E 76 14.72 -1.19 15.62
N LEU E 77 14.37 -2.47 15.57
CA LEU E 77 12.99 -2.82 15.33
C LEU E 77 12.18 -2.40 16.55
N LYS E 78 12.63 -2.82 17.72
CA LYS E 78 11.93 -2.50 18.95
C LYS E 78 11.89 -0.99 19.17
N SER E 79 13.02 -0.34 18.91
CA SER E 79 13.17 1.09 19.10
C SER E 79 12.49 1.99 18.07
N PHE E 80 12.40 1.55 16.82
CA PHE E 80 11.78 2.43 15.83
C PHE E 80 10.55 1.91 15.12
N ILE E 81 10.54 0.63 14.78
CA ILE E 81 9.43 0.05 14.04
C ILE E 81 8.16 -0.24 14.81
N LEU E 82 8.25 -1.00 15.90
CA LEU E 82 7.03 -1.30 16.63
C LEU E 82 6.31 0.01 16.84
N PRO E 83 6.93 0.94 17.59
CA PRO E 83 6.30 2.24 17.85
C PRO E 83 5.51 2.84 16.70
N ILE E 84 6.03 2.77 15.49
CA ILE E 84 5.30 3.31 14.35
C ILE E 84 3.99 2.57 14.24
N PHE E 85 4.07 1.26 14.06
CA PHE E 85 2.87 0.46 13.88
C PHE E 85 1.93 0.35 15.06
N GLU E 86 2.36 0.84 16.21
CA GLU E 86 1.51 0.83 17.40
C GLU E 86 0.64 2.08 17.26
N LYS E 87 1.32 3.17 16.93
CA LYS E 87 0.72 4.49 16.74
C LYS E 87 -0.22 4.52 15.55
N TYR E 88 0.21 4.01 14.40
CA TYR E 88 -0.65 3.98 13.21
C TYR E 88 -0.75 2.54 12.73
N PRO E 89 -1.55 1.72 13.43
CA PRO E 89 -1.72 0.32 13.07
C PRO E 89 -2.38 0.05 11.73
N PHE E 91 -4.76 -1.88 8.92
CA PHE E 91 -6.21 -2.16 9.04
C PHE E 91 -6.62 -3.56 8.58
N SER E 92 -6.02 -4.05 7.50
CA SER E 92 -6.38 -5.34 6.99
C SER E 92 -6.04 -6.50 7.91
N ASN E 93 -6.50 -7.68 7.54
CA ASN E 93 -6.25 -8.87 8.29
C ASN E 93 -4.75 -9.05 8.45
N LYS E 94 -3.96 -8.08 8.02
CA LYS E 94 -2.52 -8.22 8.14
C LYS E 94 -1.95 -7.93 9.52
N GLN E 95 -2.65 -7.10 10.30
CA GLN E 95 -2.17 -6.76 11.63
C GLN E 95 -1.79 -8.03 12.40
N TYR E 96 -2.40 -9.17 12.03
CA TYR E 96 -2.11 -10.45 12.69
C TYR E 96 -0.63 -10.76 12.55
N ASP E 97 -0.05 -10.37 11.43
CA ASP E 97 1.37 -10.57 11.19
C ASP E 97 2.14 -9.71 12.19
N TYR E 98 1.80 -8.43 12.24
CA TYR E 98 2.46 -7.50 13.16
C TYR E 98 2.28 -7.89 14.62
N LEU E 99 1.07 -8.28 15.02
CA LEU E 99 0.86 -8.65 16.41
C LEU E 99 1.72 -9.86 16.72
N ARG E 100 1.63 -10.89 15.88
CA ARG E 100 2.42 -12.11 16.07
C ARG E 100 3.89 -11.73 16.12
N PHE E 101 4.36 -11.04 15.09
CA PHE E 101 5.74 -10.58 15.03
C PHE E 101 6.11 -9.91 16.37
N ARG E 102 5.38 -8.86 16.72
CA ARG E 102 5.59 -8.09 17.94
C ARG E 102 5.75 -8.94 19.19
N ASN E 103 4.78 -9.82 19.40
CA ASN E 103 4.79 -10.65 20.57
C ASN E 103 6.08 -11.47 20.63
N ALA E 104 6.32 -12.28 19.61
CA ALA E 104 7.50 -13.14 19.55
C ALA E 104 8.73 -12.33 19.86
N LEU E 105 8.76 -11.12 19.33
CA LEU E 105 9.89 -10.25 19.53
C LEU E 105 10.02 -9.81 20.97
N LEU E 106 9.01 -9.12 21.47
CA LEU E 106 9.06 -8.63 22.84
C LEU E 106 9.20 -9.76 23.87
N SER E 107 8.73 -10.94 23.52
CA SER E 107 8.81 -12.09 24.41
C SER E 107 10.24 -12.60 24.53
N GLY E 108 11.09 -12.21 23.57
CA GLY E 108 12.47 -12.64 23.59
C GLY E 108 12.64 -14.01 22.95
N ILE E 109 11.67 -14.40 22.13
CA ILE E 109 11.75 -15.69 21.47
C ILE E 109 12.91 -15.62 20.48
N ILE E 110 13.89 -16.49 20.69
CA ILE E 110 15.06 -16.50 19.81
C ILE E 110 15.32 -17.86 19.17
N SER E 111 14.47 -18.85 19.47
CA SER E 111 14.65 -20.15 18.87
C SER E 111 13.40 -20.65 18.21
N LEU E 112 13.58 -21.30 17.08
CA LEU E 112 12.46 -21.81 16.30
C LEU E 112 11.49 -22.64 17.14
N GLU E 113 12.02 -23.35 18.12
CA GLU E 113 11.22 -24.23 18.95
C GLU E 113 10.29 -23.60 19.96
N ASP E 114 10.54 -22.33 20.29
CA ASP E 114 9.68 -21.65 21.23
C ASP E 114 8.88 -20.59 20.51
N LEU E 115 8.88 -20.66 19.17
CA LEU E 115 8.13 -19.72 18.37
C LEU E 115 6.75 -20.31 18.03
N PRO E 116 5.67 -19.67 18.50
CA PRO E 116 4.31 -20.14 18.25
C PRO E 116 3.96 -20.50 16.82
N ASP E 117 3.09 -21.49 16.67
CA ASP E 117 2.67 -21.90 15.33
C ASP E 117 1.71 -20.82 14.88
N TYR E 118 2.03 -20.18 13.77
CA TYR E 118 1.20 -19.08 13.28
C TYR E 118 0.64 -19.18 11.88
N THR E 119 -0.62 -18.79 11.74
CA THR E 119 -1.31 -18.76 10.47
C THR E 119 -2.31 -17.58 10.52
N ARG E 120 -2.20 -16.67 9.54
CA ARG E 120 -3.07 -15.51 9.45
C ARG E 120 -4.53 -15.88 9.35
N SER E 121 -5.36 -15.21 10.14
CA SER E 121 -6.77 -15.47 10.05
C SER E 121 -7.18 -14.63 8.84
N ASP E 122 -8.27 -14.97 8.17
CA ASP E 122 -8.74 -14.17 7.02
C ASP E 122 -9.81 -13.31 7.60
N GLU E 123 -10.18 -13.68 8.81
CA GLU E 123 -11.19 -13.02 9.59
C GLU E 123 -10.72 -11.57 9.81
N PRO E 124 -11.49 -10.58 9.34
CA PRO E 124 -11.12 -9.18 9.50
C PRO E 124 -11.08 -8.73 10.96
N LEU E 125 -10.47 -7.58 11.19
CA LEU E 125 -10.37 -7.03 12.53
C LEU E 125 -11.28 -5.84 12.68
N ASN E 126 -11.56 -5.13 11.60
CA ASN E 126 -12.41 -3.96 11.69
C ASN E 126 -13.48 -4.15 10.66
N SER E 127 -14.29 -3.11 10.50
CA SER E 127 -15.29 -3.12 9.47
C SER E 127 -15.44 -1.65 9.08
N ILE E 128 -15.82 -1.42 7.83
CA ILE E 128 -15.95 -0.07 7.27
C ILE E 128 -15.86 1.07 8.25
N GLU E 129 -16.93 1.35 8.99
CA GLU E 129 -16.96 2.49 9.92
C GLU E 129 -15.70 2.72 10.76
N SER E 130 -15.10 1.65 11.26
CA SER E 130 -13.90 1.80 12.07
C SER E 130 -12.72 2.28 11.22
N ILE E 131 -12.52 1.66 10.05
CA ILE E 131 -11.41 2.06 9.19
C ILE E 131 -11.64 3.54 8.91
N ILE E 132 -12.66 3.78 8.10
CA ILE E 132 -13.10 5.09 7.66
C ILE E 132 -13.09 6.23 8.70
N ASN E 133 -13.24 5.90 9.98
CA ASN E 133 -13.28 6.92 11.02
C ASN E 133 -12.03 7.16 11.79
N THR E 134 -10.98 6.42 11.50
CA THR E 134 -9.73 6.61 12.21
C THR E 134 -9.05 7.83 11.58
N SER E 135 -8.45 8.68 12.40
CA SER E 135 -7.82 9.89 11.90
C SER E 135 -6.84 9.70 10.75
N TYR E 136 -5.78 8.94 10.99
CA TYR E 136 -4.77 8.74 9.97
C TYR E 136 -5.18 8.04 8.69
N PHE E 137 -6.41 7.55 8.61
CA PHE E 137 -6.81 6.84 7.40
C PHE E 137 -6.41 7.53 6.09
N SER E 138 -6.90 8.73 5.87
CA SER E 138 -6.60 9.49 4.66
C SER E 138 -5.15 9.35 4.24
N ALA E 139 -4.25 9.40 5.21
CA ALA E 139 -2.84 9.28 4.91
C ALA E 139 -2.50 7.85 4.58
N TRP E 140 -2.89 6.94 5.45
CA TRP E 140 -2.63 5.52 5.20
C TRP E 140 -2.98 5.19 3.74
N LEU E 141 -4.21 5.50 3.33
CA LEU E 141 -4.70 5.20 1.99
C LEU E 141 -3.83 5.74 0.88
N VAL E 142 -3.10 6.78 1.17
CA VAL E 142 -2.22 7.32 0.16
C VAL E 142 -1.11 6.31 -0.07
N GLY E 143 -0.51 5.85 1.02
CA GLY E 143 0.54 4.87 0.89
C GLY E 143 0.03 3.55 0.34
N PHE E 144 -1.14 3.12 0.81
CA PHE E 144 -1.73 1.88 0.34
C PHE E 144 -1.96 1.98 -1.15
N ILE E 145 -2.24 3.19 -1.62
CA ILE E 145 -2.44 3.37 -3.04
C ILE E 145 -1.05 3.31 -3.69
N GLU E 146 -0.11 4.09 -3.17
CA GLU E 146 1.28 4.07 -3.66
C GLU E 146 1.62 2.60 -3.94
N ALA E 147 1.32 1.77 -2.96
CA ALA E 147 1.60 0.35 -3.02
C ALA E 147 0.74 -0.47 -3.95
N GLU E 148 -0.58 -0.40 -3.84
CA GLU E 148 -1.39 -1.27 -4.67
C GLU E 148 -2.40 -0.68 -5.63
N GLY E 149 -2.50 0.64 -5.68
CA GLY E 149 -3.44 1.24 -6.60
C GLY E 149 -2.89 1.25 -8.02
N CYS E 150 -3.77 1.33 -9.01
CA CYS E 150 -3.34 1.32 -10.42
C CYS E 150 -4.02 2.35 -11.35
N PHE E 151 -3.23 3.26 -11.93
CA PHE E 151 -3.78 4.24 -12.86
C PHE E 151 -3.45 3.71 -14.24
N SER E 152 -4.45 3.70 -15.11
CA SER E 152 -4.26 3.17 -16.45
C SER E 152 -5.23 3.72 -17.48
N VAL E 153 -4.85 3.60 -18.74
CA VAL E 153 -5.68 4.02 -19.86
C VAL E 153 -5.52 2.99 -20.97
N TYR E 154 -6.65 2.67 -21.61
CA TYR E 154 -6.72 1.68 -22.68
C TYR E 154 -7.90 1.93 -23.60
N LYS E 155 -7.75 1.64 -24.90
CA LYS E 155 -8.84 1.84 -25.85
C LYS E 155 -9.90 0.80 -25.46
N LEU E 156 -11.18 1.10 -25.71
CA LEU E 156 -12.26 0.17 -25.33
C LEU E 156 -12.38 -1.00 -26.31
N ASN E 157 -12.07 -0.75 -27.59
CA ASN E 157 -12.09 -1.80 -28.60
C ASN E 157 -10.80 -1.62 -29.38
N LYS E 158 -10.27 -2.73 -29.88
CA LYS E 158 -9.04 -2.74 -30.69
C LYS E 158 -9.14 -1.60 -31.71
N ASP E 159 -9.96 -1.87 -32.72
CA ASP E 159 -10.24 -0.93 -33.83
C ASP E 159 -10.32 0.54 -33.39
N ASP E 160 -11.53 1.03 -33.10
CA ASP E 160 -11.68 2.43 -32.71
C ASP E 160 -10.89 2.92 -31.47
N ASP E 161 -10.50 4.21 -31.52
CA ASP E 161 -9.71 4.93 -30.49
C ASP E 161 -10.49 5.55 -29.31
N TYR E 162 -11.39 4.80 -28.69
CA TYR E 162 -12.16 5.34 -27.58
C TYR E 162 -11.54 4.90 -26.26
N LEU E 163 -10.83 5.83 -25.61
CA LEU E 163 -10.13 5.55 -24.35
C LEU E 163 -11.06 5.38 -23.13
N ILE E 164 -10.55 4.75 -22.09
CA ILE E 164 -11.34 4.49 -20.89
C ILE E 164 -10.84 5.19 -19.61
N ALA E 165 -9.56 5.07 -19.27
CA ALA E 165 -9.02 5.73 -18.07
C ALA E 165 -9.60 5.23 -16.75
N SER E 166 -8.96 4.22 -16.14
CA SER E 166 -9.44 3.68 -14.88
C SER E 166 -8.42 3.78 -13.77
N PHE E 167 -8.91 3.59 -12.55
CA PHE E 167 -8.10 3.59 -11.34
C PHE E 167 -8.61 2.36 -10.67
N ASP E 168 -7.72 1.44 -10.29
CA ASP E 168 -8.22 0.25 -9.61
C ASP E 168 -7.33 -0.12 -8.44
N ILE E 169 -7.80 -1.08 -7.64
CA ILE E 169 -7.06 -1.54 -6.47
C ILE E 169 -7.73 -2.78 -5.89
N ALA E 170 -6.94 -3.80 -5.61
CA ALA E 170 -7.49 -5.04 -5.08
C ALA E 170 -6.72 -5.48 -3.86
N GLN E 171 -7.23 -6.48 -3.16
CA GLN E 171 -6.58 -7.01 -1.99
C GLN E 171 -7.18 -8.34 -1.64
N ARG E 172 -6.35 -9.32 -1.36
CA ARG E 172 -6.83 -10.64 -0.97
C ARG E 172 -7.44 -10.61 0.44
N ASP E 173 -8.49 -11.37 0.67
CA ASP E 173 -9.15 -11.41 1.98
C ASP E 173 -9.57 -10.04 2.51
N GLY E 174 -9.67 -9.05 1.63
CA GLY E 174 -10.02 -7.73 2.14
C GLY E 174 -11.33 -7.13 1.71
N ASP E 175 -12.41 -7.89 1.73
CA ASP E 175 -13.66 -7.28 1.33
C ASP E 175 -13.98 -6.05 2.18
N ILE E 176 -13.84 -6.18 3.49
CA ILE E 176 -14.14 -5.02 4.32
C ILE E 176 -13.19 -3.86 3.99
N LEU E 177 -11.89 -4.17 3.85
CA LEU E 177 -10.95 -3.10 3.56
C LEU E 177 -11.29 -2.45 2.25
N ILE E 178 -11.31 -3.25 1.19
CA ILE E 178 -11.62 -2.73 -0.13
C ILE E 178 -12.94 -1.97 -0.18
N SER E 179 -13.96 -2.48 0.50
CA SER E 179 -15.26 -1.83 0.50
C SER E 179 -15.20 -0.48 1.20
N ALA E 180 -14.49 -0.46 2.32
CA ALA E 180 -14.35 0.76 3.09
C ALA E 180 -13.76 1.88 2.23
N ILE E 181 -12.69 1.56 1.49
CA ILE E 181 -12.04 2.54 0.62
C ILE E 181 -13.13 2.96 -0.34
N ARG E 182 -13.74 1.97 -0.98
CA ARG E 182 -14.81 2.19 -1.94
C ARG E 182 -15.78 3.22 -1.39
N LYS E 183 -16.23 3.01 -0.16
CA LYS E 183 -17.14 3.97 0.43
C LYS E 183 -16.47 5.34 0.52
N TYR E 184 -15.34 5.40 1.22
CA TYR E 184 -14.60 6.64 1.41
C TYR E 184 -14.53 7.54 0.18
N LEU E 185 -14.11 7.00 -0.95
CA LEU E 185 -13.98 7.76 -2.21
C LEU E 185 -15.31 7.84 -2.97
N SER E 186 -16.36 7.34 -2.34
CA SER E 186 -17.68 7.39 -2.95
C SER E 186 -17.82 6.68 -4.28
N PHE E 187 -17.10 5.59 -4.50
CA PHE E 187 -17.28 4.87 -5.76
C PHE E 187 -18.55 4.04 -5.61
N THR E 188 -19.13 3.59 -6.71
CA THR E 188 -20.32 2.75 -6.60
C THR E 188 -20.21 1.51 -7.48
N THR E 189 -19.03 1.32 -8.04
CA THR E 189 -18.77 0.14 -8.86
C THR E 189 -18.93 -1.05 -7.89
N LYS E 190 -19.27 -2.22 -8.42
CA LYS E 190 -19.44 -3.40 -7.57
C LYS E 190 -18.11 -4.07 -7.31
N VAL E 191 -17.71 -4.18 -6.04
CA VAL E 191 -16.45 -4.84 -5.70
C VAL E 191 -16.54 -6.28 -6.13
N TYR E 192 -15.57 -6.74 -6.92
CA TYR E 192 -15.58 -8.11 -7.41
C TYR E 192 -14.62 -9.10 -6.70
N LEU E 193 -15.15 -10.22 -6.22
CA LEU E 193 -14.32 -11.26 -5.59
C LEU E 193 -13.90 -12.28 -6.68
N ASP E 194 -12.59 -12.43 -6.91
CA ASP E 194 -12.08 -13.32 -7.96
C ASP E 194 -11.98 -14.81 -7.61
N LYS E 195 -11.19 -15.54 -8.42
CA LYS E 195 -10.93 -16.96 -8.26
C LYS E 195 -10.39 -17.22 -6.85
N THR E 196 -9.59 -16.28 -6.35
CA THR E 196 -9.02 -16.34 -5.01
C THR E 196 -10.01 -15.60 -4.13
N ASN E 197 -9.57 -15.14 -2.96
CA ASN E 197 -10.46 -14.39 -2.09
C ASN E 197 -10.07 -12.91 -2.27
N CYS E 198 -9.67 -12.58 -3.50
CA CYS E 198 -9.21 -11.24 -3.84
C CYS E 198 -10.28 -10.26 -4.28
N SER E 199 -10.50 -9.25 -3.46
CA SER E 199 -11.49 -8.21 -3.72
C SER E 199 -10.89 -7.13 -4.64
N LYS E 200 -11.46 -6.99 -5.83
CA LYS E 200 -10.98 -6.00 -6.80
C LYS E 200 -11.95 -4.81 -6.91
N LEU E 201 -11.42 -3.60 -6.80
CA LEU E 201 -12.25 -2.40 -6.92
C LEU E 201 -11.71 -1.71 -8.16
N LYS E 202 -12.60 -1.17 -9.00
CA LYS E 202 -12.17 -0.50 -10.23
C LYS E 202 -13.18 0.55 -10.66
N VAL E 203 -12.72 1.66 -11.19
CA VAL E 203 -13.66 2.67 -11.62
C VAL E 203 -13.29 3.23 -12.97
N THR E 204 -14.30 3.78 -13.66
CA THR E 204 -14.12 4.35 -14.99
C THR E 204 -14.88 5.66 -15.21
N SER E 205 -15.93 5.87 -14.43
CA SER E 205 -16.76 7.05 -14.57
C SER E 205 -16.04 8.38 -14.49
N VAL E 206 -16.65 9.39 -15.11
CA VAL E 206 -16.07 10.71 -15.07
C VAL E 206 -16.12 11.18 -13.63
N ARG E 207 -17.16 10.80 -12.89
CA ARG E 207 -17.25 11.24 -11.52
C ARG E 207 -16.28 10.50 -10.58
N SER E 208 -16.11 9.19 -10.79
CA SER E 208 -15.20 8.43 -9.93
C SER E 208 -13.80 9.00 -10.12
N VAL E 209 -13.34 9.09 -11.36
CA VAL E 209 -12.01 9.60 -11.62
C VAL E 209 -11.86 10.94 -10.94
N GLU E 210 -12.85 11.81 -11.15
CA GLU E 210 -12.80 13.12 -10.52
C GLU E 210 -12.55 13.00 -9.03
N ASN E 211 -13.05 11.92 -8.45
CA ASN E 211 -12.89 11.76 -7.03
C ASN E 211 -11.52 11.34 -6.52
N ILE E 212 -10.81 10.41 -7.17
CA ILE E 212 -9.50 10.06 -6.63
C ILE E 212 -8.65 11.31 -6.67
N ILE E 213 -8.66 11.97 -7.83
CA ILE E 213 -7.87 13.18 -8.04
C ILE E 213 -8.05 14.16 -6.89
N LYS E 214 -9.29 14.35 -6.48
CA LYS E 214 -9.56 15.27 -5.40
C LYS E 214 -9.09 14.72 -4.08
N PHE E 215 -9.29 13.43 -3.83
CA PHE E 215 -8.83 12.85 -2.57
C PHE E 215 -7.32 13.08 -2.45
N LEU E 216 -6.63 12.81 -3.55
CA LEU E 216 -5.17 12.94 -3.64
C LEU E 216 -4.68 14.37 -3.50
N GLN E 217 -5.35 15.27 -4.21
CA GLN E 217 -5.01 16.69 -4.15
C GLN E 217 -5.23 17.22 -2.73
N ASN E 218 -6.22 16.68 -2.04
CA ASN E 218 -6.49 17.11 -0.69
C ASN E 218 -6.15 16.11 0.40
N ALA E 219 -5.23 15.20 0.12
CA ALA E 219 -4.83 14.23 1.13
C ALA E 219 -3.67 14.82 1.92
N PRO E 220 -3.60 14.53 3.21
CA PRO E 220 -2.54 15.06 4.07
C PRO E 220 -1.12 14.85 3.57
N VAL E 221 -0.91 13.78 2.84
CA VAL E 221 0.43 13.58 2.40
C VAL E 221 0.47 13.26 0.99
N LYS E 222 1.69 13.01 0.58
CA LYS E 222 1.92 12.72 -0.78
C LYS E 222 2.75 11.53 -1.20
N LEU E 223 2.30 11.04 -2.37
CA LEU E 223 2.79 9.91 -3.13
C LEU E 223 4.10 10.45 -3.54
N LEU E 224 5.12 9.64 -3.36
CA LEU E 224 6.40 10.11 -3.75
C LEU E 224 7.19 9.11 -4.59
N GLY E 225 6.57 8.01 -4.97
CA GLY E 225 7.30 7.03 -5.75
C GLY E 225 6.92 6.88 -7.21
N ASN E 226 7.12 5.67 -7.69
CA ASN E 226 6.81 5.40 -9.06
C ASN E 226 5.34 5.63 -9.29
N LYS E 227 4.49 5.20 -8.38
CA LYS E 227 3.04 5.36 -8.55
C LYS E 227 2.71 6.83 -8.77
N LYS E 228 3.51 7.70 -8.19
CA LYS E 228 3.31 9.14 -8.34
C LYS E 228 3.48 9.46 -9.80
N LEU E 229 4.55 8.94 -10.40
CA LEU E 229 4.82 9.17 -11.81
C LEU E 229 3.74 8.55 -12.68
N GLN E 230 3.28 7.35 -12.29
CA GLN E 230 2.23 6.66 -13.03
C GLN E 230 1.00 7.52 -13.08
N TYR E 231 0.76 8.22 -11.98
CA TYR E 231 -0.40 9.08 -11.88
C TYR E 231 -0.23 10.33 -12.71
N LEU E 232 0.96 10.93 -12.71
CA LEU E 232 1.16 12.12 -13.49
C LEU E 232 0.98 11.85 -14.97
N LEU E 233 1.47 10.72 -15.45
CA LEU E 233 1.33 10.39 -16.87
C LEU E 233 -0.15 10.14 -17.20
N TRP E 234 -0.88 9.61 -16.21
CA TRP E 234 -2.31 9.33 -16.31
C TRP E 234 -2.92 10.70 -16.52
N LEU E 235 -2.83 11.54 -15.49
CA LEU E 235 -3.31 12.91 -15.54
C LEU E 235 -3.18 13.42 -16.97
N LYS E 236 -1.96 13.40 -17.48
CA LYS E 236 -1.70 13.87 -18.82
C LYS E 236 -2.68 13.32 -19.84
N GLN E 237 -2.77 12.02 -19.99
CA GLN E 237 -3.70 11.49 -20.98
C GLN E 237 -5.14 11.85 -20.67
N LEU E 238 -5.38 12.27 -19.43
CA LEU E 238 -6.72 12.63 -19.07
C LEU E 238 -7.08 13.95 -19.74
N ARG E 239 -6.10 14.67 -20.26
CA ARG E 239 -6.44 15.93 -20.91
C ARG E 239 -6.81 15.73 -22.37
N LYS E 240 -6.25 14.71 -23.00
CA LYS E 240 -6.56 14.44 -24.40
C LYS E 240 -7.89 13.69 -24.52
N ILE E 241 -8.44 13.28 -23.38
CA ILE E 241 -9.73 12.59 -23.36
C ILE E 241 -10.75 13.63 -22.92
N SER E 242 -11.52 14.12 -23.89
CA SER E 242 -12.52 15.16 -23.64
C SER E 242 -13.48 14.95 -22.49
N ARG E 243 -14.32 13.91 -22.58
CA ARG E 243 -15.32 13.66 -21.54
C ARG E 243 -14.76 13.96 -20.16
N TYR E 244 -13.48 13.66 -19.94
CA TYR E 244 -12.85 13.95 -18.65
C TYR E 244 -12.44 15.41 -18.53
N SER E 245 -11.70 15.90 -19.53
CA SER E 245 -11.17 17.27 -19.56
C SER E 245 -12.16 18.39 -19.41
N GLU E 246 -13.21 18.36 -20.22
CA GLU E 246 -14.22 19.40 -20.06
C GLU E 246 -14.93 19.14 -18.73
N LYS E 247 -14.44 18.15 -17.97
CA LYS E 247 -15.10 17.87 -16.72
C LYS E 247 -14.34 17.84 -15.39
N ILE E 248 -13.05 18.22 -15.32
CA ILE E 248 -12.34 18.28 -14.02
C ILE E 248 -11.07 19.10 -14.13
N LYS E 249 -10.52 19.46 -12.98
CA LYS E 249 -9.30 20.26 -12.87
C LYS E 249 -8.17 19.31 -12.54
N ILE E 250 -6.87 19.70 -12.64
CA ILE E 250 -5.91 18.65 -12.34
C ILE E 250 -4.47 18.67 -11.92
N PRO E 251 -3.61 19.25 -12.77
CA PRO E 251 -2.18 19.31 -12.57
C PRO E 251 -1.08 20.32 -12.22
N SER E 252 -0.52 20.03 -11.06
CA SER E 252 0.60 20.71 -10.44
C SER E 252 1.48 19.65 -9.74
N ASN E 253 0.84 18.57 -9.21
CA ASN E 253 1.47 17.38 -8.49
C ASN E 253 0.64 16.29 -7.71
N TYR E 254 1.28 15.13 -7.46
CA TYR E 254 0.94 13.92 -6.69
C TYR E 254 0.53 12.62 -7.31
#